data_4FMW
#
_entry.id   4FMW
#
_cell.length_a   37.097
_cell.length_b   43.309
_cell.length_c   60.347
_cell.angle_alpha   100.43
_cell.angle_beta   90.03
_cell.angle_gamma   92.88
#
_symmetry.space_group_name_H-M   'P 1'
#
loop_
_entity.id
_entity.type
_entity.pdbx_description
1 polymer 'RNA (guanine-9-)-methyltransferase domain-containing protein 2'
2 non-polymer S-ADENOSYL-L-HOMOCYSTEINE
3 non-polymer 1,2-ETHANEDIOL
4 non-polymer 'UNKNOWN ATOM OR ION'
5 non-polymer 'POTASSIUM ION'
6 water water
#
_entity_poly.entity_id   1
_entity_poly.type   'polypeptide(L)'
_entity_poly.pdbx_seq_one_letter_code
;GPNSDGHDRKRVRRDVVHSTLRLIIDCSFDHL(MSE)VLKDIKKLHKQIQRCYAENRRALHPVQFYLTSHGGQLKKN
(MSE)DENDKGWVNWKDIHIKPEHYSELIKKEDLIYLTSDSPNILKELDESKAYVIGGLVDHNHHKGLTYKQASDYGINH
AQLPLGNFVK(MSE)NSRKVLAVNHVFEIILEYLETRDWQEAFFTILPQRKG
;
_entity_poly.pdbx_strand_id   A,B
#
loop_
_chem_comp.id
_chem_comp.type
_chem_comp.name
_chem_comp.formula
EDO non-polymer 1,2-ETHANEDIOL 'C2 H6 O2'
K non-polymer 'POTASSIUM ION' 'K 1'
SAH non-polymer S-ADENOSYL-L-HOMOCYSTEINE 'C14 H20 N6 O5 S'
UNX non-polymer 'UNKNOWN ATOM OR ION' ?
#
# COMPACT_ATOMS: atom_id res chain seq x y z
N ARG A 14 -13.93 3.84 -10.86
CA ARG A 14 -14.24 4.72 -9.73
C ARG A 14 -12.97 5.19 -9.02
N ASP A 15 -12.86 6.51 -8.77
CA ASP A 15 -11.72 7.09 -8.06
C ASP A 15 -11.90 6.83 -6.56
N VAL A 16 -11.24 5.76 -6.08
CA VAL A 16 -11.32 5.26 -4.71
C VAL A 16 -10.20 5.87 -3.82
N VAL A 17 -10.60 6.42 -2.65
CA VAL A 17 -9.68 6.98 -1.65
C VAL A 17 -9.53 5.96 -0.51
N HIS A 18 -8.39 5.25 -0.49
CA HIS A 18 -8.08 4.22 0.50
C HIS A 18 -7.78 4.82 1.86
N SER A 19 -8.20 4.12 2.93
CA SER A 19 -7.93 4.50 4.31
C SER A 19 -6.51 4.01 4.64
N THR A 20 -5.77 4.77 5.48
CA THR A 20 -4.40 4.37 5.87
C THR A 20 -4.43 3.26 6.94
N LEU A 21 -5.62 3.01 7.53
CA LEU A 21 -5.83 1.99 8.56
C LEU A 21 -5.44 0.61 8.02
N ARG A 22 -4.61 -0.10 8.78
CA ARG A 22 -4.15 -1.44 8.44
C ARG A 22 -5.01 -2.43 9.22
N LEU A 23 -5.67 -3.36 8.50
CA LEU A 23 -6.52 -4.38 9.10
C LEU A 23 -5.96 -5.75 8.77
N ILE A 24 -5.45 -6.43 9.80
CA ILE A 24 -4.77 -7.72 9.70
C ILE A 24 -5.64 -8.88 10.20
N ILE A 25 -5.74 -9.95 9.38
CA ILE A 25 -6.39 -11.19 9.80
C ILE A 25 -5.25 -12.13 10.18
N ASP A 26 -5.04 -12.31 11.50
CA ASP A 26 -3.97 -13.15 12.07
C ASP A 26 -4.32 -14.63 11.91
N CYS A 27 -3.73 -15.27 10.87
CA CYS A 27 -3.99 -16.69 10.55
C CYS A 27 -2.95 -17.65 11.20
N SER A 28 -2.57 -17.37 12.46
CA SER A 28 -1.60 -18.19 13.21
C SER A 28 -2.30 -19.23 14.12
N PHE A 29 -3.62 -19.44 13.91
CA PHE A 29 -4.44 -20.38 14.69
C PHE A 29 -4.91 -21.58 13.84
N ASP A 30 -4.29 -21.78 12.65
CA ASP A 30 -4.59 -22.84 11.68
C ASP A 30 -4.70 -24.25 12.31
N HIS A 31 -3.73 -24.61 13.17
CA HIS A 31 -3.65 -25.91 13.85
C HIS A 31 -4.78 -26.16 14.89
N LEU A 32 -5.47 -25.09 15.31
CA LEU A 32 -6.56 -25.16 16.31
C LEU A 32 -7.95 -25.40 15.68
N MSE A 33 -8.03 -25.41 14.33
CA MSE A 33 -9.29 -25.63 13.62
C MSE A 33 -9.31 -26.91 12.81
O MSE A 33 -8.30 -27.27 12.20
CB MSE A 33 -9.58 -24.45 12.67
CG MSE A 33 -10.10 -23.21 13.36
SE MSE A 33 -10.11 -21.70 12.11
CE MSE A 33 -8.20 -21.37 12.05
N VAL A 34 -10.48 -27.55 12.74
CA VAL A 34 -10.74 -28.73 11.91
C VAL A 34 -10.89 -28.23 10.45
N LEU A 35 -10.74 -29.12 9.44
CA LEU A 35 -10.85 -28.73 8.02
C LEU A 35 -12.17 -28.00 7.71
N LYS A 36 -13.29 -28.42 8.35
CA LYS A 36 -14.61 -27.80 8.20
C LYS A 36 -14.57 -26.31 8.62
N ASP A 37 -13.90 -26.00 9.75
CA ASP A 37 -13.75 -24.63 10.26
C ASP A 37 -12.76 -23.81 9.43
N ILE A 38 -11.77 -24.48 8.79
CA ILE A 38 -10.77 -23.86 7.91
C ILE A 38 -11.52 -23.30 6.67
N LYS A 39 -12.42 -24.13 6.08
CA LYS A 39 -13.25 -23.79 4.92
C LYS A 39 -14.19 -22.61 5.24
N LYS A 40 -14.67 -22.54 6.51
CA LYS A 40 -15.52 -21.45 7.00
C LYS A 40 -14.70 -20.16 7.09
N LEU A 41 -13.44 -20.26 7.58
CA LEU A 41 -12.52 -19.11 7.69
C LEU A 41 -12.16 -18.59 6.29
N HIS A 42 -11.95 -19.51 5.32
CA HIS A 42 -11.64 -19.19 3.91
C HIS A 42 -12.83 -18.39 3.32
N LYS A 43 -14.07 -18.86 3.57
CA LYS A 43 -15.32 -18.23 3.13
C LYS A 43 -15.46 -16.81 3.71
N GLN A 44 -15.10 -16.63 5.00
CA GLN A 44 -15.15 -15.34 5.70
C GLN A 44 -14.11 -14.38 5.14
N ILE A 45 -12.90 -14.88 4.80
CA ILE A 45 -11.79 -14.10 4.21
C ILE A 45 -12.21 -13.59 2.81
N GLN A 46 -12.89 -14.45 2.02
CA GLN A 46 -13.41 -14.11 0.68
C GLN A 46 -14.40 -12.94 0.77
N ARG A 47 -15.25 -12.96 1.82
CA ARG A 47 -16.25 -11.92 2.11
C ARG A 47 -15.56 -10.60 2.47
N CYS A 48 -14.49 -10.66 3.31
CA CYS A 48 -13.69 -9.50 3.73
C CYS A 48 -13.08 -8.82 2.50
N TYR A 49 -12.49 -9.63 1.58
CA TYR A 49 -11.87 -9.18 0.34
C TYR A 49 -12.87 -8.49 -0.60
N ALA A 50 -14.05 -9.12 -0.81
CA ALA A 50 -15.11 -8.59 -1.67
C ALA A 50 -15.70 -7.30 -1.13
N GLU A 51 -15.87 -7.20 0.22
CA GLU A 51 -16.41 -6.00 0.86
C GLU A 51 -15.40 -4.86 0.88
N ASN A 52 -14.09 -5.18 1.03
CA ASN A 52 -13.02 -4.19 1.01
C ASN A 52 -12.90 -3.53 -0.37
N ARG A 53 -13.04 -4.34 -1.44
CA ARG A 53 -12.96 -3.88 -2.83
C ARG A 53 -14.17 -3.01 -3.24
N ARG A 54 -15.28 -3.08 -2.46
CA ARG A 54 -16.52 -2.32 -2.71
C ARG A 54 -16.71 -1.16 -1.70
N ALA A 55 -15.86 -1.09 -0.66
CA ALA A 55 -15.93 -0.07 0.40
C ALA A 55 -15.58 1.32 -0.10
N LEU A 56 -16.19 2.37 0.51
CA LEU A 56 -15.93 3.78 0.16
C LEU A 56 -14.49 4.13 0.54
N HIS A 57 -14.06 3.71 1.75
CA HIS A 57 -12.70 3.92 2.24
C HIS A 57 -12.06 2.55 2.58
N PRO A 58 -11.55 1.81 1.56
CA PRO A 58 -10.94 0.49 1.83
C PRO A 58 -9.70 0.56 2.70
N VAL A 59 -9.56 -0.43 3.59
CA VAL A 59 -8.42 -0.54 4.51
C VAL A 59 -7.23 -1.21 3.82
N GLN A 60 -6.04 -1.15 4.46
CA GLN A 60 -4.85 -1.83 3.98
C GLN A 60 -5.01 -3.26 4.55
N PHE A 61 -5.55 -4.17 3.74
CA PHE A 61 -5.87 -5.54 4.11
C PHE A 61 -4.62 -6.45 4.14
N TYR A 62 -4.42 -7.13 5.29
CA TYR A 62 -3.31 -8.06 5.52
C TYR A 62 -3.83 -9.43 5.93
N LEU A 63 -3.13 -10.47 5.46
CA LEU A 63 -3.38 -11.86 5.80
C LEU A 63 -2.00 -12.37 6.22
N THR A 64 -1.74 -12.41 7.53
CA THR A 64 -0.44 -12.81 8.06
C THR A 64 -0.48 -14.25 8.58
N SER A 65 0.71 -14.89 8.72
CA SER A 65 0.90 -16.29 9.15
C SER A 65 0.20 -17.25 8.18
N HIS A 66 0.14 -16.87 6.89
CA HIS A 66 -0.51 -17.64 5.83
C HIS A 66 0.27 -18.92 5.56
N GLY A 67 -0.38 -20.03 5.86
CA GLY A 67 0.16 -21.38 5.71
C GLY A 67 -0.82 -22.41 6.17
N GLY A 68 -0.32 -23.62 6.42
CA GLY A 68 -1.09 -24.76 6.90
C GLY A 68 -2.27 -25.15 6.03
N GLN A 69 -3.37 -25.56 6.69
CA GLN A 69 -4.63 -26.00 6.07
C GLN A 69 -5.32 -24.90 5.27
N LEU A 70 -5.26 -23.64 5.74
CA LEU A 70 -5.89 -22.50 5.05
C LEU A 70 -5.25 -22.25 3.68
N LYS A 71 -3.90 -22.21 3.62
CA LYS A 71 -3.15 -22.00 2.37
C LYS A 71 -3.46 -23.10 1.35
N LYS A 72 -3.51 -24.37 1.81
CA LYS A 72 -3.81 -25.51 0.94
C LYS A 72 -5.26 -25.46 0.43
N ASN A 73 -6.22 -25.07 1.32
CA ASN A 73 -7.64 -24.92 0.93
C ASN A 73 -7.82 -23.77 -0.05
N MSE A 74 -6.99 -22.72 0.08
CA MSE A 74 -7.01 -21.56 -0.82
C MSE A 74 -6.33 -21.91 -2.14
O MSE A 74 -6.81 -21.49 -3.18
CB MSE A 74 -6.39 -20.32 -0.15
CG MSE A 74 -7.31 -19.72 0.90
SE MSE A 74 -6.63 -18.13 1.79
CE MSE A 74 -6.83 -16.84 0.31
N ASP A 75 -5.25 -22.74 -2.11
CA ASP A 75 -4.55 -23.21 -3.32
C ASP A 75 -5.46 -24.11 -4.16
N GLU A 76 -6.30 -24.93 -3.48
CA GLU A 76 -7.23 -25.90 -4.08
C GLU A 76 -8.47 -25.25 -4.71
N ASN A 77 -9.16 -24.35 -3.97
CA ASN A 77 -10.41 -23.72 -4.41
C ASN A 77 -10.24 -22.34 -5.07
N ASP A 78 -9.43 -21.45 -4.46
CA ASP A 78 -9.19 -20.10 -4.98
C ASP A 78 -7.77 -19.97 -5.56
N LYS A 79 -7.48 -20.77 -6.62
CA LYS A 79 -6.17 -20.82 -7.31
C LYS A 79 -5.59 -19.43 -7.64
N GLY A 80 -6.47 -18.45 -7.85
CA GLY A 80 -6.09 -17.07 -8.16
C GLY A 80 -5.84 -16.16 -6.97
N TRP A 81 -5.58 -16.74 -5.75
CA TRP A 81 -5.29 -15.94 -4.55
C TRP A 81 -3.93 -15.23 -4.66
N VAL A 82 -3.00 -15.83 -5.44
CA VAL A 82 -1.68 -15.27 -5.71
C VAL A 82 -1.81 -14.05 -6.67
N ASN A 83 -2.93 -14.01 -7.46
CA ASN A 83 -3.27 -12.94 -8.41
C ASN A 83 -4.07 -11.80 -7.76
N TRP A 84 -4.71 -12.07 -6.58
CA TRP A 84 -5.54 -11.12 -5.80
C TRP A 84 -4.86 -9.75 -5.63
N LYS A 85 -5.59 -8.67 -5.96
CA LYS A 85 -5.10 -7.29 -5.87
C LYS A 85 -5.67 -6.58 -4.64
N ASP A 86 -4.88 -5.63 -4.07
CA ASP A 86 -5.20 -4.81 -2.88
C ASP A 86 -5.37 -5.68 -1.60
N ILE A 87 -4.41 -6.61 -1.39
CA ILE A 87 -4.33 -7.50 -0.24
C ILE A 87 -2.86 -7.93 -0.03
N HIS A 88 -2.41 -7.96 1.24
CA HIS A 88 -1.06 -8.39 1.59
C HIS A 88 -1.13 -9.78 2.22
N ILE A 89 -0.87 -10.82 1.42
CA ILE A 89 -0.88 -12.20 1.89
C ILE A 89 0.57 -12.59 2.21
N LYS A 90 0.88 -12.70 3.51
CA LYS A 90 2.25 -12.98 3.98
C LYS A 90 2.36 -14.24 4.86
N PRO A 91 3.41 -15.09 4.65
CA PRO A 91 3.57 -16.27 5.53
C PRO A 91 4.11 -15.91 6.92
N GLU A 92 4.70 -14.71 7.06
CA GLU A 92 5.28 -14.21 8.30
C GLU A 92 4.18 -13.83 9.30
N HIS A 93 4.50 -13.90 10.60
CA HIS A 93 3.61 -13.50 11.69
C HIS A 93 3.55 -11.96 11.69
N TYR A 94 2.42 -11.37 12.12
CA TYR A 94 2.24 -9.89 12.12
C TYR A 94 3.33 -9.17 12.94
N SER A 95 3.87 -9.85 13.97
CA SER A 95 4.94 -9.34 14.83
C SER A 95 6.23 -9.06 14.04
N GLU A 96 6.48 -9.86 12.99
CA GLU A 96 7.66 -9.76 12.11
C GLU A 96 7.52 -8.61 11.09
N LEU A 97 6.29 -8.12 10.84
CA LEU A 97 6.03 -7.10 9.81
C LEU A 97 5.58 -5.72 10.33
N ILE A 98 4.87 -5.69 11.47
CA ILE A 98 4.34 -4.43 12.01
C ILE A 98 5.04 -4.05 13.33
N LYS A 99 5.26 -2.72 13.53
CA LYS A 99 5.86 -2.16 14.75
C LYS A 99 4.94 -2.43 15.94
N LYS A 100 5.52 -2.88 17.06
CA LYS A 100 4.84 -3.23 18.32
C LYS A 100 3.89 -2.12 18.82
N GLU A 101 4.35 -0.86 18.82
CA GLU A 101 3.58 0.31 19.28
C GLU A 101 2.38 0.65 18.38
N ASP A 102 2.40 0.22 17.10
CA ASP A 102 1.34 0.48 16.12
C ASP A 102 0.15 -0.50 16.21
N LEU A 103 0.36 -1.65 16.86
CA LEU A 103 -0.64 -2.71 16.92
C LEU A 103 -1.69 -2.57 18.03
N ILE A 104 -2.94 -2.95 17.69
CA ILE A 104 -4.10 -3.01 18.57
C ILE A 104 -4.83 -4.30 18.21
N TYR A 105 -4.77 -5.31 19.10
CA TYR A 105 -5.46 -6.57 18.84
C TYR A 105 -6.92 -6.46 19.23
N LEU A 106 -7.82 -6.65 18.26
CA LEU A 106 -9.25 -6.59 18.54
C LEU A 106 -9.67 -7.91 19.17
N THR A 107 -10.29 -7.86 20.36
CA THR A 107 -10.74 -9.05 21.10
C THR A 107 -11.89 -8.70 22.04
N SER A 108 -12.94 -9.53 22.04
CA SER A 108 -14.14 -9.38 22.87
C SER A 108 -13.86 -9.48 24.38
N ASP A 109 -12.74 -10.12 24.75
CA ASP A 109 -12.34 -10.34 26.13
C ASP A 109 -11.46 -9.21 26.72
N SER A 110 -11.07 -8.22 25.89
CA SER A 110 -10.27 -7.08 26.34
C SER A 110 -11.14 -6.12 27.17
N PRO A 111 -10.65 -5.63 28.35
CA PRO A 111 -11.48 -4.69 29.14
C PRO A 111 -11.55 -3.30 28.53
N ASN A 112 -10.63 -2.97 27.59
CA ASN A 112 -10.57 -1.68 26.91
C ASN A 112 -11.67 -1.55 25.86
N ILE A 113 -12.46 -0.48 25.95
CA ILE A 113 -13.55 -0.20 25.02
C ILE A 113 -13.03 0.75 23.95
N LEU A 114 -13.11 0.33 22.67
CA LEU A 114 -12.69 1.13 21.52
C LEU A 114 -13.73 2.23 21.30
N LYS A 115 -13.29 3.50 21.30
CA LYS A 115 -14.20 4.64 21.13
C LYS A 115 -14.08 5.25 19.73
N GLU A 116 -12.82 5.42 19.26
CA GLU A 116 -12.51 5.99 17.95
C GLU A 116 -11.44 5.14 17.26
N LEU A 117 -11.43 5.15 15.92
CA LEU A 117 -10.44 4.41 15.14
C LEU A 117 -9.29 5.32 14.77
N ASP A 118 -8.06 4.89 15.09
CA ASP A 118 -6.85 5.62 14.76
C ASP A 118 -6.34 5.01 13.45
N GLU A 119 -6.44 5.78 12.36
CA GLU A 119 -6.08 5.33 11.01
C GLU A 119 -4.54 5.18 10.80
N SER A 120 -3.72 5.50 11.84
CA SER A 120 -2.26 5.35 11.79
CA SER A 120 -2.26 5.35 11.79
C SER A 120 -1.85 4.03 12.42
N LYS A 121 -2.80 3.35 13.12
CA LYS A 121 -2.59 2.07 13.80
C LYS A 121 -2.96 0.87 12.94
N ALA A 122 -2.51 -0.33 13.37
CA ALA A 122 -2.79 -1.60 12.72
C ALA A 122 -3.67 -2.45 13.63
N TYR A 123 -4.92 -2.71 13.21
CA TYR A 123 -5.88 -3.48 13.99
C TYR A 123 -5.85 -4.94 13.57
N VAL A 124 -5.77 -5.85 14.57
CA VAL A 124 -5.67 -7.29 14.30
C VAL A 124 -6.95 -8.03 14.67
N ILE A 125 -7.41 -8.89 13.74
CA ILE A 125 -8.56 -9.77 13.91
C ILE A 125 -8.00 -11.20 13.92
N GLY A 126 -8.39 -11.99 14.91
CA GLY A 126 -7.95 -13.38 15.00
C GLY A 126 -8.62 -14.22 13.95
N GLY A 127 -7.82 -14.85 13.08
CA GLY A 127 -8.29 -15.73 12.03
C GLY A 127 -8.65 -17.07 12.65
N LEU A 128 -9.78 -17.08 13.37
CA LEU A 128 -10.24 -18.24 14.11
C LEU A 128 -11.77 -18.37 14.12
N VAL A 129 -12.24 -19.58 13.84
CA VAL A 129 -13.65 -19.98 13.90
C VAL A 129 -13.65 -20.84 15.17
N ASP A 130 -13.79 -20.15 16.32
CA ASP A 130 -13.70 -20.68 17.68
C ASP A 130 -14.79 -21.66 18.13
N HIS A 131 -16.10 -21.30 17.98
CA HIS A 131 -17.27 -22.06 18.48
C HIS A 131 -17.27 -22.02 20.04
N ASN A 132 -16.73 -20.90 20.62
CA ASN A 132 -16.58 -20.61 22.05
C ASN A 132 -15.73 -21.68 22.80
N HIS A 133 -14.77 -22.30 22.08
CA HIS A 133 -13.87 -23.33 22.61
C HIS A 133 -12.58 -22.72 23.18
N HIS A 134 -12.02 -21.70 22.49
CA HIS A 134 -10.80 -21.01 22.90
C HIS A 134 -11.13 -19.62 23.44
N LYS A 135 -11.90 -19.58 24.55
CA LYS A 135 -12.33 -18.33 25.19
C LYS A 135 -11.14 -17.60 25.83
N GLY A 136 -10.97 -16.34 25.44
CA GLY A 136 -9.89 -15.48 25.93
C GLY A 136 -8.52 -15.75 25.34
N LEU A 137 -8.45 -16.52 24.24
CA LEU A 137 -7.18 -16.90 23.58
C LEU A 137 -6.43 -15.71 22.96
N THR A 138 -7.10 -14.90 22.10
CA THR A 138 -6.46 -13.73 21.45
C THR A 138 -6.08 -12.66 22.47
N TYR A 139 -6.88 -12.50 23.53
CA TYR A 139 -6.65 -11.55 24.63
C TYR A 139 -5.42 -11.97 25.44
N LYS A 140 -5.26 -13.29 25.68
CA LYS A 140 -4.12 -13.87 26.41
C LYS A 140 -2.82 -13.66 25.62
N GLN A 141 -2.83 -13.97 24.30
CA GLN A 141 -1.69 -13.84 23.40
C GLN A 141 -1.23 -12.38 23.22
N ALA A 142 -2.20 -11.43 23.17
CA ALA A 142 -1.92 -10.00 23.03
C ALA A 142 -1.28 -9.43 24.30
N SER A 143 -1.80 -9.82 25.49
CA SER A 143 -1.32 -9.38 26.80
C SER A 143 0.10 -9.89 27.10
N ASP A 144 0.42 -11.13 26.66
CA ASP A 144 1.73 -11.77 26.84
C ASP A 144 2.79 -11.07 25.98
N TYR A 145 2.43 -10.73 24.72
CA TYR A 145 3.30 -10.05 23.76
C TYR A 145 3.54 -8.58 24.12
N GLY A 146 2.68 -8.01 24.97
CA GLY A 146 2.76 -6.63 25.42
C GLY A 146 2.13 -5.60 24.50
N ILE A 147 1.35 -6.06 23.50
CA ILE A 147 0.67 -5.18 22.55
C ILE A 147 -0.70 -4.74 23.07
N ASN A 148 -1.17 -3.57 22.61
CA ASN A 148 -2.47 -3.00 22.98
C ASN A 148 -3.62 -3.88 22.47
N HIS A 149 -4.74 -3.87 23.19
CA HIS A 149 -5.93 -4.65 22.87
C HIS A 149 -7.19 -3.88 23.23
N ALA A 150 -8.27 -4.09 22.45
CA ALA A 150 -9.55 -3.42 22.67
C ALA A 150 -10.72 -4.24 22.13
N GLN A 151 -11.91 -4.07 22.74
CA GLN A 151 -13.13 -4.71 22.28
C GLN A 151 -14.01 -3.69 21.56
N LEU A 152 -14.86 -4.15 20.63
CA LEU A 152 -15.78 -3.27 19.90
C LEU A 152 -16.82 -2.71 20.89
N PRO A 153 -17.25 -1.42 20.77
CA PRO A 153 -18.20 -0.87 21.74
C PRO A 153 -19.65 -1.36 21.54
N LEU A 154 -19.85 -2.70 21.60
CA LEU A 154 -21.15 -3.37 21.43
C LEU A 154 -22.17 -2.99 22.51
N GLY A 155 -21.69 -2.60 23.70
CA GLY A 155 -22.50 -2.17 24.84
C GLY A 155 -23.72 -3.01 25.15
N ASN A 156 -24.91 -2.38 25.07
CA ASN A 156 -26.20 -3.01 25.33
C ASN A 156 -26.95 -3.40 24.04
N PHE A 157 -26.35 -3.14 22.85
CA PHE A 157 -26.94 -3.45 21.54
C PHE A 157 -27.01 -4.96 21.28
N VAL A 158 -26.04 -5.74 21.82
CA VAL A 158 -25.99 -7.20 21.67
C VAL A 158 -26.27 -7.86 23.04
N ARG A 163 -23.30 -14.70 24.18
CA ARG A 163 -21.96 -14.45 23.65
C ARG A 163 -21.92 -13.21 22.77
N LYS A 164 -20.94 -12.32 23.04
CA LYS A 164 -20.71 -11.07 22.30
C LYS A 164 -19.61 -11.27 21.22
N VAL A 165 -19.15 -12.53 21.07
CA VAL A 165 -18.12 -12.97 20.12
C VAL A 165 -18.68 -12.92 18.70
N LEU A 166 -18.07 -12.10 17.83
CA LEU A 166 -18.50 -11.92 16.44
C LEU A 166 -17.60 -12.68 15.47
N ALA A 167 -18.15 -13.01 14.28
CA ALA A 167 -17.42 -13.69 13.21
C ALA A 167 -16.35 -12.77 12.61
N VAL A 168 -15.28 -13.35 12.03
CA VAL A 168 -14.16 -12.64 11.41
C VAL A 168 -14.64 -11.54 10.44
N ASN A 169 -15.53 -11.90 9.48
CA ASN A 169 -16.06 -10.98 8.47
C ASN A 169 -16.93 -9.89 9.08
N HIS A 170 -17.67 -10.19 10.18
CA HIS A 170 -18.53 -9.21 10.86
C HIS A 170 -17.70 -8.07 11.45
N VAL A 171 -16.58 -8.40 12.13
CA VAL A 171 -15.65 -7.40 12.71
C VAL A 171 -15.03 -6.53 11.59
N PHE A 172 -14.56 -7.17 10.50
CA PHE A 172 -13.95 -6.52 9.33
C PHE A 172 -14.93 -5.52 8.68
N GLU A 173 -16.18 -5.96 8.44
CA GLU A 173 -17.22 -5.15 7.81
C GLU A 173 -17.66 -3.98 8.70
N ILE A 174 -17.64 -4.15 10.06
CA ILE A 174 -17.99 -3.09 11.02
C ILE A 174 -16.93 -1.96 10.91
N ILE A 175 -15.63 -2.32 10.79
CA ILE A 175 -14.51 -1.36 10.64
C ILE A 175 -14.72 -0.53 9.36
N LEU A 176 -15.07 -1.19 8.24
CA LEU A 176 -15.33 -0.52 6.95
C LEU A 176 -16.55 0.40 7.04
N GLU A 177 -17.61 -0.06 7.73
CA GLU A 177 -18.86 0.69 7.91
C GLU A 177 -18.65 1.91 8.81
N TYR A 178 -17.80 1.78 9.86
CA TYR A 178 -17.50 2.89 10.77
C TYR A 178 -16.65 3.95 10.06
N LEU A 179 -15.74 3.55 9.15
CA LEU A 179 -14.92 4.52 8.40
C LEU A 179 -15.76 5.35 7.43
N GLU A 180 -16.96 4.82 7.06
CA GLU A 180 -17.90 5.48 6.16
CA GLU A 180 -17.91 5.47 6.16
C GLU A 180 -18.90 6.36 6.93
N THR A 181 -19.52 5.81 7.99
CA THR A 181 -20.54 6.48 8.81
C THR A 181 -20.02 7.28 10.00
N ARG A 182 -18.96 6.80 10.69
CA ARG A 182 -18.36 7.37 11.92
C ARG A 182 -19.39 7.29 13.07
N ASP A 183 -20.25 6.25 13.01
CA ASP A 183 -21.32 5.95 13.96
C ASP A 183 -21.28 4.44 14.23
N TRP A 184 -20.83 4.05 15.45
CA TRP A 184 -20.71 2.65 15.88
C TRP A 184 -22.07 1.94 15.86
N GLN A 185 -23.12 2.60 16.41
CA GLN A 185 -24.49 2.10 16.48
C GLN A 185 -25.01 1.73 15.08
N GLU A 186 -24.77 2.60 14.08
CA GLU A 186 -25.16 2.41 12.69
C GLU A 186 -24.35 1.27 12.04
N ALA A 187 -23.05 1.15 12.38
CA ALA A 187 -22.15 0.10 11.86
C ALA A 187 -22.59 -1.31 12.31
N PHE A 188 -22.93 -1.48 13.61
CA PHE A 188 -23.37 -2.77 14.16
C PHE A 188 -24.72 -3.17 13.58
N PHE A 189 -25.64 -2.20 13.44
CA PHE A 189 -26.98 -2.39 12.90
C PHE A 189 -26.97 -2.88 11.44
N THR A 190 -26.08 -2.31 10.62
CA THR A 190 -25.95 -2.65 9.19
C THR A 190 -25.33 -4.04 8.98
N ILE A 191 -24.27 -4.37 9.74
CA ILE A 191 -23.53 -5.62 9.56
C ILE A 191 -24.10 -6.83 10.32
N LEU A 192 -24.32 -6.72 11.65
CA LEU A 192 -24.76 -7.84 12.49
C LEU A 192 -26.14 -8.41 12.13
N PRO A 193 -26.24 -9.76 11.98
CA PRO A 193 -27.55 -10.36 11.66
C PRO A 193 -28.50 -10.36 12.86
N GLN A 194 -29.79 -10.15 12.61
CA GLN A 194 -30.84 -10.13 13.64
C GLN A 194 -31.52 -11.49 13.79
N ARG A 195 -32.02 -11.79 15.00
CA ARG A 195 -32.68 -13.06 15.34
C ARG A 195 -34.05 -13.22 14.66
N ASP B 15 23.36 31.26 -11.25
CA ASP B 15 22.68 31.08 -12.53
C ASP B 15 22.39 29.59 -12.77
N VAL B 16 21.10 29.20 -12.69
CA VAL B 16 20.63 27.82 -12.86
C VAL B 16 19.68 27.74 -14.06
N VAL B 17 20.04 26.95 -15.09
CA VAL B 17 19.22 26.77 -16.31
C VAL B 17 18.46 25.43 -16.20
N HIS B 18 17.14 25.52 -15.98
CA HIS B 18 16.25 24.36 -15.84
C HIS B 18 15.97 23.69 -17.16
N SER B 19 15.77 22.36 -17.10
CA SER B 19 15.38 21.56 -18.25
C SER B 19 13.85 21.63 -18.32
N THR B 20 13.30 21.70 -19.54
CA THR B 20 11.85 21.75 -19.73
C THR B 20 11.21 20.36 -19.52
N LEU B 21 12.07 19.31 -19.49
CA LEU B 21 11.67 17.90 -19.29
C LEU B 21 10.93 17.75 -17.96
N ARG B 22 9.74 17.16 -18.03
CA ARG B 22 8.91 16.92 -16.86
C ARG B 22 9.16 15.50 -16.38
N LEU B 23 9.51 15.36 -15.09
CA LEU B 23 9.77 14.05 -14.48
C LEU B 23 8.78 13.84 -13.35
N ILE B 24 7.88 12.86 -13.55
CA ILE B 24 6.79 12.56 -12.62
C ILE B 24 7.02 11.26 -11.87
N ILE B 25 6.83 11.29 -10.54
CA ILE B 25 6.85 10.09 -9.71
C ILE B 25 5.37 9.81 -9.44
N ASP B 26 4.83 8.76 -10.10
CA ASP B 26 3.42 8.34 -10.01
C ASP B 26 3.19 7.59 -8.70
N CYS B 27 2.62 8.30 -7.69
CA CYS B 27 2.36 7.72 -6.37
C CYS B 27 0.93 7.15 -6.24
N SER B 28 0.43 6.48 -7.30
CA SER B 28 -0.89 5.86 -7.32
C SER B 28 -0.87 4.36 -6.91
N PHE B 29 0.28 3.89 -6.39
CA PHE B 29 0.46 2.50 -5.95
C PHE B 29 0.63 2.37 -4.42
N ASP B 30 0.23 3.43 -3.67
CA ASP B 30 0.31 3.55 -2.20
C ASP B 30 -0.32 2.34 -1.47
N HIS B 31 -1.48 1.86 -1.94
CA HIS B 31 -2.21 0.73 -1.35
C HIS B 31 -1.49 -0.64 -1.53
N LEU B 32 -0.53 -0.72 -2.47
CA LEU B 32 0.21 -1.96 -2.76
C LEU B 32 1.48 -2.14 -1.91
N MSE B 33 1.83 -1.12 -1.09
CA MSE B 33 3.03 -1.15 -0.26
C MSE B 33 2.71 -1.16 1.23
O MSE B 33 1.78 -0.47 1.68
CB MSE B 33 3.92 0.05 -0.56
CG MSE B 33 4.74 -0.07 -1.82
SE MSE B 33 5.60 1.63 -2.23
CE MSE B 33 4.04 2.62 -2.84
N VAL B 34 3.55 -1.87 2.01
CA VAL B 34 3.47 -1.92 3.47
C VAL B 34 4.09 -0.60 4.00
N LEU B 35 3.80 -0.21 5.27
CA LEU B 35 4.33 1.04 5.85
C LEU B 35 5.88 1.15 5.75
N LYS B 36 6.59 0.01 5.90
CA LYS B 36 8.06 -0.06 5.80
C LYS B 36 8.52 0.34 4.37
N ASP B 37 7.81 -0.13 3.33
CA ASP B 37 8.11 0.18 1.93
C ASP B 37 7.72 1.61 1.57
N ILE B 38 6.69 2.18 2.26
CA ILE B 38 6.22 3.56 2.07
C ILE B 38 7.34 4.52 2.56
N LYS B 39 7.94 4.19 3.73
CA LYS B 39 9.06 4.95 4.34
C LYS B 39 10.29 4.91 3.44
N LYS B 40 10.49 3.78 2.70
CA LYS B 40 11.61 3.61 1.76
CA LYS B 40 11.60 3.60 1.76
C LYS B 40 11.38 4.49 0.54
N LEU B 41 10.12 4.55 0.04
CA LEU B 41 9.74 5.38 -1.11
C LEU B 41 9.91 6.85 -0.75
N HIS B 42 9.50 7.24 0.49
CA HIS B 42 9.64 8.60 1.02
C HIS B 42 11.13 9.00 1.02
N LYS B 43 12.02 8.09 1.51
CA LYS B 43 13.48 8.29 1.55
C LYS B 43 14.03 8.49 0.13
N GLN B 44 13.54 7.69 -0.84
CA GLN B 44 13.94 7.76 -2.25
C GLN B 44 13.48 9.08 -2.89
N ILE B 45 12.27 9.57 -2.52
CA ILE B 45 11.71 10.85 -3.01
C ILE B 45 12.57 12.02 -2.48
N GLN B 46 12.97 11.97 -1.18
CA GLN B 46 13.84 12.97 -0.54
C GLN B 46 15.17 13.07 -1.29
N ARG B 47 15.69 11.91 -1.76
CA ARG B 47 16.93 11.80 -2.54
C ARG B 47 16.75 12.46 -3.92
N CYS B 48 15.60 12.19 -4.60
CA CYS B 48 15.25 12.77 -5.89
C CYS B 48 15.21 14.29 -5.80
N TYR B 49 14.52 14.81 -4.76
CA TYR B 49 14.37 16.23 -4.46
C TYR B 49 15.73 16.90 -4.22
N ALA B 50 16.59 16.27 -3.38
CA ALA B 50 17.92 16.78 -3.06
C ALA B 50 18.81 16.84 -4.29
N GLU B 51 18.86 15.75 -5.08
CA GLU B 51 19.67 15.66 -6.31
C GLU B 51 19.19 16.64 -7.38
N ASN B 52 17.87 16.92 -7.45
CA ASN B 52 17.32 17.87 -8.41
C ASN B 52 17.71 19.30 -8.09
N ARG B 53 17.82 19.64 -6.78
CA ARG B 53 18.18 20.99 -6.32
C ARG B 53 19.65 21.35 -6.59
N ARG B 54 20.54 20.35 -6.77
CA ARG B 54 21.96 20.63 -7.07
C ARG B 54 22.41 20.09 -8.45
N ALA B 55 21.44 19.69 -9.30
CA ALA B 55 21.71 19.22 -10.67
C ALA B 55 22.05 20.42 -11.56
N LEU B 56 22.87 20.20 -12.62
CA LEU B 56 23.23 21.27 -13.56
C LEU B 56 22.00 21.75 -14.32
N HIS B 57 21.16 20.80 -14.78
CA HIS B 57 19.91 21.09 -15.46
C HIS B 57 18.75 20.42 -14.69
N PRO B 58 18.19 21.12 -13.66
CA PRO B 58 17.07 20.53 -12.90
C PRO B 58 15.81 20.35 -13.74
N VAL B 59 15.15 19.20 -13.58
CA VAL B 59 13.91 18.87 -14.30
C VAL B 59 12.70 19.48 -13.61
N GLN B 60 11.54 19.49 -14.31
CA GLN B 60 10.27 19.94 -13.75
C GLN B 60 9.77 18.71 -12.99
N PHE B 61 10.07 18.67 -11.69
CA PHE B 61 9.76 17.54 -10.79
C PHE B 61 8.30 17.55 -10.35
N TYR B 62 7.61 16.41 -10.56
CA TYR B 62 6.22 16.19 -10.17
C TYR B 62 6.05 14.97 -9.30
N LEU B 63 5.11 15.10 -8.33
CA LEU B 63 4.67 14.04 -7.42
CA LEU B 63 4.69 14.04 -7.43
C LEU B 63 3.16 14.00 -7.55
N THR B 64 2.63 13.06 -8.36
CA THR B 64 1.19 12.94 -8.61
C THR B 64 0.58 11.81 -7.79
N SER B 65 -0.76 11.85 -7.59
CA SER B 65 -1.56 10.92 -6.77
C SER B 65 -1.07 10.92 -5.31
N HIS B 66 -0.60 12.10 -4.85
CA HIS B 66 -0.08 12.28 -3.49
C HIS B 66 -1.22 12.18 -2.49
N GLY B 67 -1.17 11.11 -1.70
CA GLY B 67 -2.15 10.80 -0.67
C GLY B 67 -1.80 9.53 0.06
N GLY B 68 -2.78 8.98 0.77
CA GLY B 68 -2.65 7.72 1.51
C GLY B 68 -1.56 7.72 2.57
N GLN B 69 -0.85 6.58 2.67
CA GLN B 69 0.22 6.33 3.63
C GLN B 69 1.43 7.24 3.42
N LEU B 70 1.78 7.54 2.15
CA LEU B 70 2.92 8.38 1.81
C LEU B 70 2.73 9.81 2.31
N LYS B 71 1.55 10.43 2.04
CA LYS B 71 1.22 11.79 2.47
C LYS B 71 1.30 11.93 4.00
N LYS B 72 0.71 10.96 4.73
CA LYS B 72 0.70 10.95 6.20
C LYS B 72 2.11 10.78 6.78
N ASN B 73 2.96 9.92 6.16
CA ASN B 73 4.35 9.73 6.59
C ASN B 73 5.17 11.00 6.34
N MSE B 74 4.82 11.73 5.25
CA MSE B 74 5.47 12.99 4.89
C MSE B 74 4.99 14.13 5.81
O MSE B 74 5.81 14.93 6.22
CB MSE B 74 5.28 13.31 3.41
CG MSE B 74 6.15 12.44 2.51
SE MSE B 74 5.97 12.69 0.59
CE MSE B 74 6.96 14.33 0.40
N ASP B 75 3.69 14.13 6.19
CA ASP B 75 3.13 15.14 7.12
C ASP B 75 3.69 14.99 8.53
N GLU B 76 3.94 13.73 8.96
CA GLU B 76 4.42 13.39 10.31
C GLU B 76 5.93 13.49 10.51
N ASN B 77 6.75 13.05 9.51
CA ASN B 77 8.21 13.01 9.67
C ASN B 77 9.01 13.99 8.78
N ASP B 78 8.36 14.68 7.81
CA ASP B 78 9.03 15.64 6.92
C ASP B 78 8.01 16.72 6.47
N LYS B 79 7.34 17.36 7.46
CA LYS B 79 6.27 18.37 7.31
C LYS B 79 6.58 19.51 6.30
N GLY B 80 7.86 19.86 6.16
CA GLY B 80 8.32 20.92 5.26
C GLY B 80 8.17 20.65 3.77
N TRP B 81 7.53 19.51 3.38
CA TRP B 81 7.29 19.12 1.98
C TRP B 81 6.38 20.12 1.24
N VAL B 82 5.47 20.80 1.96
CA VAL B 82 4.53 21.79 1.39
C VAL B 82 5.29 23.03 0.84
N ASN B 83 6.50 23.32 1.37
CA ASN B 83 7.34 24.46 0.98
C ASN B 83 8.57 24.05 0.16
N TRP B 84 8.63 22.78 -0.29
CA TRP B 84 9.73 22.23 -1.10
C TRP B 84 9.81 22.99 -2.44
N LYS B 85 11.01 23.55 -2.75
CA LYS B 85 11.24 24.31 -3.97
C LYS B 85 11.50 23.41 -5.16
N ASP B 86 11.06 23.86 -6.37
CA ASP B 86 11.22 23.16 -7.65
C ASP B 86 10.50 21.80 -7.70
N ILE B 87 9.28 21.73 -7.14
CA ILE B 87 8.47 20.50 -7.14
C ILE B 87 6.96 20.79 -7.23
N HIS B 88 6.22 19.93 -7.94
CA HIS B 88 4.77 20.00 -8.08
C HIS B 88 4.17 18.77 -7.40
N ILE B 89 3.76 18.92 -6.14
CA ILE B 89 3.15 17.84 -5.36
C ILE B 89 1.63 17.99 -5.49
N LYS B 90 1.01 17.08 -6.28
CA LYS B 90 -0.42 17.13 -6.58
C LYS B 90 -1.19 15.87 -6.15
N PRO B 91 -2.41 16.01 -5.57
CA PRO B 91 -3.18 14.80 -5.20
C PRO B 91 -3.82 14.11 -6.41
N GLU B 92 -3.97 14.85 -7.54
CA GLU B 92 -4.56 14.33 -8.78
C GLU B 92 -3.63 13.32 -9.45
N HIS B 93 -4.21 12.41 -10.25
CA HIS B 93 -3.47 11.42 -11.03
C HIS B 93 -2.79 12.15 -12.19
N TYR B 94 -1.63 11.66 -12.69
CA TYR B 94 -0.90 12.32 -13.79
C TYR B 94 -1.75 12.48 -15.06
N SER B 95 -2.73 11.56 -15.27
CA SER B 95 -3.66 11.57 -16.40
C SER B 95 -4.56 12.80 -16.40
N GLU B 96 -4.83 13.37 -15.20
CA GLU B 96 -5.68 14.55 -15.01
C GLU B 96 -4.91 15.87 -15.25
N LEU B 97 -3.56 15.83 -15.21
CA LEU B 97 -2.72 17.04 -15.32
C LEU B 97 -1.88 17.12 -16.60
N ILE B 98 -1.45 15.97 -17.15
CA ILE B 98 -0.60 15.95 -18.35
C ILE B 98 -1.36 15.42 -19.55
N LYS B 99 -1.11 16.01 -20.75
CA LYS B 99 -1.71 15.60 -22.02
C LYS B 99 -1.23 14.19 -22.36
N LYS B 100 -2.16 13.33 -22.85
CA LYS B 100 -1.91 11.93 -23.21
C LYS B 100 -0.71 11.76 -24.17
N GLU B 101 -0.63 12.59 -25.21
CA GLU B 101 0.42 12.58 -26.24
C GLU B 101 1.81 12.97 -25.71
N ASP B 102 1.88 13.67 -24.56
CA ASP B 102 3.13 14.15 -23.95
C ASP B 102 3.78 13.13 -23.00
N LEU B 103 3.04 12.09 -22.58
CA LEU B 103 3.54 11.12 -21.61
C LEU B 103 4.31 9.94 -22.20
N ILE B 104 5.33 9.50 -21.45
CA ILE B 104 6.18 8.33 -21.73
C ILE B 104 6.39 7.64 -20.37
N TYR B 105 5.80 6.46 -20.16
CA TYR B 105 5.96 5.75 -18.90
C TYR B 105 7.23 4.94 -18.91
N LEU B 106 8.16 5.27 -17.99
CA LEU B 106 9.41 4.54 -17.88
C LEU B 106 9.15 3.24 -17.15
N THR B 107 9.45 2.11 -17.79
CA THR B 107 9.23 0.77 -17.22
C THR B 107 10.20 -0.23 -17.85
N SER B 108 10.83 -1.06 -17.00
CA SER B 108 11.80 -2.09 -17.40
C SER B 108 11.18 -3.19 -18.28
N ASP B 109 9.85 -3.37 -18.20
CA ASP B 109 9.11 -4.40 -18.95
C ASP B 109 8.63 -3.91 -20.33
N SER B 110 8.92 -2.64 -20.69
CA SER B 110 8.55 -2.10 -22.00
C SER B 110 9.46 -2.66 -23.10
N PRO B 111 8.91 -3.07 -24.28
CA PRO B 111 9.78 -3.58 -25.35
C PRO B 111 10.58 -2.49 -26.06
N ASN B 112 10.17 -1.21 -25.89
CA ASN B 112 10.80 -0.04 -26.49
C ASN B 112 12.02 0.40 -25.70
N ILE B 113 13.16 0.56 -26.39
CA ILE B 113 14.43 0.98 -25.80
C ILE B 113 14.54 2.50 -25.98
N LEU B 114 14.63 3.24 -24.85
CA LEU B 114 14.79 4.70 -24.86
C LEU B 114 16.21 5.01 -25.35
N LYS B 115 16.34 5.85 -26.38
CA LYS B 115 17.65 6.16 -26.97
C LYS B 115 18.06 7.61 -26.72
N GLU B 116 17.08 8.53 -26.73
CA GLU B 116 17.28 9.96 -26.52
C GLU B 116 16.10 10.53 -25.73
N LEU B 117 16.38 11.51 -24.85
CA LEU B 117 15.35 12.17 -24.06
C LEU B 117 14.76 13.36 -24.81
N ASP B 118 13.43 13.47 -24.82
CA ASP B 118 12.71 14.55 -25.43
C ASP B 118 12.30 15.49 -24.30
N GLU B 119 12.90 16.69 -24.26
CA GLU B 119 12.68 17.69 -23.21
C GLU B 119 11.29 18.35 -23.27
N SER B 120 10.47 18.04 -24.31
CA SER B 120 9.11 18.55 -24.47
CA SER B 120 9.11 18.55 -24.47
C SER B 120 8.11 17.56 -23.86
N LYS B 121 8.56 16.30 -23.65
CA LYS B 121 7.73 15.20 -23.10
C LYS B 121 7.80 15.10 -21.56
N ALA B 122 6.84 14.35 -20.98
CA ALA B 122 6.75 14.09 -19.55
C ALA B 122 7.01 12.60 -19.31
N TYR B 123 8.07 12.29 -18.55
CA TYR B 123 8.48 10.93 -18.25
C TYR B 123 7.97 10.51 -16.87
N VAL B 124 7.34 9.33 -16.80
CA VAL B 124 6.74 8.84 -15.54
C VAL B 124 7.54 7.69 -14.93
N ILE B 125 7.85 7.82 -13.64
CA ILE B 125 8.51 6.81 -12.82
C ILE B 125 7.45 6.31 -11.84
N GLY B 126 7.27 4.98 -11.79
CA GLY B 126 6.32 4.37 -10.87
C GLY B 126 6.79 4.49 -9.44
N GLY B 127 6.01 5.17 -8.61
CA GLY B 127 6.33 5.35 -7.19
C GLY B 127 6.03 4.08 -6.44
N LEU B 128 6.86 3.05 -6.66
CA LEU B 128 6.68 1.73 -6.09
C LEU B 128 8.00 1.06 -5.69
N VAL B 129 8.02 0.47 -4.47
CA VAL B 129 9.13 -0.32 -3.90
C VAL B 129 8.50 -1.72 -3.93
N ASP B 130 8.68 -2.40 -5.06
CA ASP B 130 8.03 -3.66 -5.41
C ASP B 130 8.64 -4.95 -4.83
N HIS B 131 9.99 -5.11 -4.85
CA HIS B 131 10.72 -6.32 -4.44
C HIS B 131 10.39 -7.50 -5.41
N ASN B 132 10.13 -7.16 -6.71
CA ASN B 132 9.77 -8.05 -7.83
C ASN B 132 8.46 -8.86 -7.53
N HIS B 133 7.49 -8.22 -6.86
CA HIS B 133 6.18 -8.79 -6.51
C HIS B 133 5.13 -8.47 -7.59
N HIS B 134 5.16 -7.23 -8.13
CA HIS B 134 4.26 -6.74 -9.16
C HIS B 134 5.02 -6.61 -10.49
N LYS B 135 5.44 -7.76 -11.06
CA LYS B 135 6.18 -7.82 -12.32
C LYS B 135 5.29 -7.42 -13.50
N GLY B 136 5.72 -6.39 -14.24
CA GLY B 136 5.02 -5.88 -15.41
C GLY B 136 3.78 -5.05 -15.12
N LEU B 137 3.63 -4.55 -13.87
CA LEU B 137 2.47 -3.76 -13.44
C LEU B 137 2.37 -2.39 -14.14
N THR B 138 3.46 -1.59 -14.10
CA THR B 138 3.49 -0.25 -14.73
C THR B 138 3.36 -0.35 -16.25
N TYR B 139 3.97 -1.40 -16.85
CA TYR B 139 3.90 -1.66 -18.29
C TYR B 139 2.47 -2.00 -18.72
N LYS B 140 1.76 -2.83 -17.90
CA LYS B 140 0.36 -3.23 -18.13
C LYS B 140 -0.54 -1.99 -18.08
N GLN B 141 -0.39 -1.16 -17.02
CA GLN B 141 -1.17 0.07 -16.81
C GLN B 141 -0.96 1.11 -17.92
N ALA B 142 0.28 1.23 -18.43
CA ALA B 142 0.62 2.17 -19.51
C ALA B 142 0.05 1.72 -20.86
N SER B 143 0.24 0.43 -21.22
CA SER B 143 -0.22 -0.15 -22.49
C SER B 143 -1.76 -0.21 -22.60
N ASP B 144 -2.46 -0.58 -21.49
CA ASP B 144 -3.92 -0.67 -21.44
C ASP B 144 -4.60 0.69 -21.62
N TYR B 145 -3.96 1.78 -21.14
CA TYR B 145 -4.50 3.13 -21.25
C TYR B 145 -3.93 3.92 -22.46
N GLY B 146 -3.25 3.20 -23.36
CA GLY B 146 -2.70 3.71 -24.62
C GLY B 146 -1.62 4.77 -24.58
N ILE B 147 -0.86 4.88 -23.48
CA ILE B 147 0.23 5.87 -23.41
C ILE B 147 1.56 5.22 -23.79
N ASN B 148 2.48 6.02 -24.36
CA ASN B 148 3.82 5.57 -24.77
C ASN B 148 4.63 5.12 -23.55
N HIS B 149 5.50 4.12 -23.76
CA HIS B 149 6.34 3.54 -22.72
C HIS B 149 7.70 3.16 -23.27
N ALA B 150 8.74 3.19 -22.41
CA ALA B 150 10.12 2.87 -22.77
C ALA B 150 10.95 2.42 -21.58
N GLN B 151 11.93 1.54 -21.83
CA GLN B 151 12.87 1.09 -20.81
C GLN B 151 14.21 1.79 -21.01
N LEU B 152 14.99 1.95 -19.92
CA LEU B 152 16.31 2.58 -19.98
C LEU B 152 17.29 1.70 -20.80
N PRO B 153 18.20 2.28 -21.62
CA PRO B 153 19.07 1.44 -22.46
C PRO B 153 20.22 0.77 -21.67
N LEU B 154 19.87 -0.05 -20.66
CA LEU B 154 20.82 -0.78 -19.79
C LEU B 154 21.54 -1.92 -20.52
N GLY B 155 20.89 -2.48 -21.56
CA GLY B 155 21.41 -3.60 -22.35
C GLY B 155 22.77 -3.37 -22.97
N LYS B 164 17.60 -5.79 -14.15
CA LYS B 164 17.28 -4.59 -14.93
C LYS B 164 16.34 -3.62 -14.19
N VAL B 165 15.60 -4.13 -13.17
CA VAL B 165 14.66 -3.33 -12.36
C VAL B 165 15.45 -2.46 -11.38
N LEU B 166 15.40 -1.13 -11.57
CA LEU B 166 16.12 -0.15 -10.75
C LEU B 166 15.20 0.57 -9.76
N ALA B 167 15.79 1.15 -8.71
CA ALA B 167 15.05 1.90 -7.68
C ALA B 167 14.57 3.24 -8.25
N VAL B 168 13.52 3.82 -7.63
CA VAL B 168 12.90 5.10 -8.02
C VAL B 168 13.97 6.21 -8.16
N ASN B 169 14.82 6.40 -7.11
CA ASN B 169 15.86 7.42 -7.08
C ASN B 169 16.95 7.18 -8.13
N HIS B 170 17.25 5.90 -8.46
CA HIS B 170 18.25 5.54 -9.46
C HIS B 170 17.84 6.02 -10.85
N VAL B 171 16.58 5.72 -11.26
CA VAL B 171 16.01 6.13 -12.57
C VAL B 171 16.02 7.67 -12.68
N PHE B 172 15.58 8.38 -11.61
CA PHE B 172 15.54 9.85 -11.52
C PHE B 172 16.92 10.47 -11.69
N GLU B 173 17.92 9.94 -10.95
CA GLU B 173 19.31 10.44 -10.98
C GLU B 173 19.98 10.17 -12.33
N ILE B 174 19.63 9.04 -13.00
CA ILE B 174 20.15 8.66 -14.32
C ILE B 174 19.69 9.72 -15.36
N ILE B 175 18.40 10.15 -15.28
CA ILE B 175 17.82 11.17 -16.16
C ILE B 175 18.58 12.50 -15.97
N LEU B 176 18.85 12.89 -14.69
CA LEU B 176 19.60 14.12 -14.36
C LEU B 176 21.04 14.06 -14.88
N GLU B 177 21.70 12.88 -14.72
CA GLU B 177 23.08 12.66 -15.16
C GLU B 177 23.18 12.66 -16.68
N TYR B 178 22.17 12.08 -17.39
CA TYR B 178 22.14 12.05 -18.85
C TYR B 178 21.94 13.45 -19.42
N LEU B 179 21.11 14.29 -18.78
CA LEU B 179 20.88 15.67 -19.26
C LEU B 179 22.15 16.53 -19.12
N GLU B 180 23.06 16.11 -18.20
CA GLU B 180 24.33 16.80 -17.94
CA GLU B 180 24.34 16.79 -17.94
C GLU B 180 25.43 16.31 -18.89
N THR B 181 25.56 14.97 -19.06
CA THR B 181 26.60 14.33 -19.88
C THR B 181 26.22 13.98 -21.33
N ARG B 182 24.95 13.58 -21.57
CA ARG B 182 24.42 13.12 -22.88
C ARG B 182 25.10 11.79 -23.29
N ASP B 183 25.44 10.97 -22.27
CA ASP B 183 26.10 9.67 -22.39
C ASP B 183 25.39 8.72 -21.41
N TRP B 184 24.62 7.75 -21.95
CA TRP B 184 23.87 6.77 -21.14
C TRP B 184 24.80 5.88 -20.32
N GLN B 185 25.90 5.40 -20.92
CA GLN B 185 26.91 4.54 -20.27
C GLN B 185 27.53 5.25 -19.06
N GLU B 186 27.84 6.56 -19.20
CA GLU B 186 28.39 7.39 -18.12
C GLU B 186 27.34 7.62 -17.02
N ALA B 187 26.06 7.80 -17.42
CA ALA B 187 24.94 8.03 -16.50
C ALA B 187 24.69 6.81 -15.58
N PHE B 188 24.66 5.58 -16.16
CA PHE B 188 24.45 4.35 -15.39
C PHE B 188 25.61 4.05 -14.46
N PHE B 189 26.86 4.26 -14.95
CA PHE B 189 28.09 4.03 -14.20
C PHE B 189 28.21 4.93 -12.95
N THR B 190 27.77 6.20 -13.06
CA THR B 190 27.81 7.18 -11.98
C THR B 190 26.77 6.89 -10.89
N ILE B 191 25.53 6.57 -11.28
CA ILE B 191 24.41 6.38 -10.35
C ILE B 191 24.30 4.97 -9.74
N LEU B 192 24.26 3.92 -10.57
CA LEU B 192 24.06 2.53 -10.12
C LEU B 192 25.15 2.01 -9.16
N PRO B 193 24.77 1.42 -8.00
CA PRO B 193 25.79 0.90 -7.07
C PRO B 193 26.46 -0.37 -7.58
N GLN B 194 27.73 -0.58 -7.20
CA GLN B 194 28.53 -1.74 -7.60
C GLN B 194 28.64 -2.75 -6.46
N SAH C . -12.41 -17.06 21.32
CA SAH C . -11.87 -16.35 20.16
CB SAH C . -12.97 -15.68 19.26
CG SAH C . -12.77 -15.93 17.77
SD SAH C . -13.86 -14.75 16.92
C SAH C . -10.82 -15.31 20.61
O SAH C . -10.78 -14.17 20.07
OXT SAH C . -10.02 -15.71 21.56
C5' SAH C . -12.83 -14.12 15.57
C4' SAH C . -12.15 -12.80 15.90
O4' SAH C . -13.03 -11.67 15.81
C3' SAH C . -11.50 -12.68 17.27
O3' SAH C . -10.27 -13.40 17.35
C2' SAH C . -11.35 -11.17 17.42
O2' SAH C . -10.15 -10.68 16.82
C1' SAH C . -12.59 -10.65 16.69
N9 SAH C . -13.70 -10.27 17.57
C8 SAH C . -14.82 -11.01 17.84
N7 SAH C . -15.67 -10.40 18.64
C5 SAH C . -15.07 -9.19 18.92
C6 SAH C . -15.46 -8.08 19.70
N6 SAH C . -16.61 -8.02 20.36
N1 SAH C . -14.61 -7.02 19.76
C2 SAH C . -13.45 -7.08 19.09
N3 SAH C . -12.98 -8.06 18.32
C4 SAH C . -13.84 -9.10 18.27
C1 EDO D . -20.64 6.09 18.53
O1 EDO D . -20.44 6.60 17.23
C2 EDO D . -22.16 5.97 18.80
O2 EDO D . -22.74 5.12 17.82
UNK UNX E . 2.63 -23.73 5.97
UNK UNX F . -19.24 -1.03 25.28
UNK UNX G . -1.22 -5.89 -2.72
UNK UNX H . -8.40 -22.90 -7.15
UNK UNX I . -10.64 10.60 14.78
UNK UNX J . -17.54 -20.47 16.43
UNK UNX K . -3.11 -17.80 31.43
UNK UNX L . -10.37 4.48 21.79
UNK UNX M . -14.00 -31.52 6.20
UNK UNX N . -2.34 -6.31 29.57
N SAH O . 7.63 -4.09 -10.81
CA SAH O . 7.67 -2.63 -10.79
CB SAH O . 9.11 -2.03 -10.62
CG SAH O . 9.17 -0.98 -9.52
SD SAH O . 10.74 -0.10 -9.76
C SAH O . 7.00 -2.05 -12.06
O SAH O . 7.56 -1.18 -12.76
OXT SAH O . 5.81 -2.53 -12.29
C5' SAH O . 10.27 1.64 -9.61
C4' SAH O . 10.10 2.32 -10.95
O4' SAH O . 11.36 2.63 -11.60
C3' SAH O . 9.30 1.57 -12.01
O3' SAH O . 7.90 1.62 -11.77
C2' SAH O . 9.71 2.29 -13.29
O2' SAH O . 8.94 3.47 -13.52
C1' SAH O . 11.18 2.63 -13.01
N9 SAH O . 12.15 1.72 -13.61
C8 SAH O . 12.82 0.69 -12.99
N7 SAH O . 13.68 0.06 -13.77
C5 SAH O . 13.54 0.70 -15.00
C6 SAH O . 14.15 0.49 -16.25
N6 SAH O . 15.10 -0.42 -16.47
N1 SAH O . 13.77 1.29 -17.28
C2 SAH O . 12.84 2.23 -17.05
N3 SAH O . 12.20 2.52 -15.91
C4 SAH O . 12.59 1.71 -14.92
C1 EDO P . 10.62 17.58 10.93
O1 EDO P . 10.89 17.44 9.55
C2 EDO P . 9.61 16.50 11.38
O2 EDO P . 8.41 16.63 10.63
C1 EDO Q . 25.50 5.45 -24.86
O1 EDO Q . 26.58 5.83 -24.03
C2 EDO Q . 25.06 6.66 -25.72
O2 EDO Q . 24.68 7.72 -24.89
K K R . 8.42 18.54 -21.14
UNK UNX S . 2.38 -8.10 -1.06
UNK UNX T . -5.71 0.89 -9.83
UNK UNX U . 1.89 14.13 12.71
UNK UNX V . 1.29 -0.82 -26.49
UNK UNX W . 8.78 25.29 -6.08
UNK UNX X . 2.29 23.48 -7.39
UNK UNX Y . -4.96 4.79 -10.19
UNK UNX Z . 3.69 15.32 -27.13
UNK UNX AA . 16.36 28.73 -4.79
UNK UNX BA . 5.13 -10.86 -10.02
#